data_1JHQ
#
_entry.id   1JHQ
#
_cell.length_a   71.750
_cell.length_b   89.970
_cell.length_c   47.690
_cell.angle_alpha   90.00
_cell.angle_beta   90.00
_cell.angle_gamma   90.00
#
_symmetry.space_group_name_H-M   'P 21 21 2'
#
loop_
_entity.id
_entity.type
_entity.pdbx_description
1 polymer 'Nicotinate Mononucleotide:5,6-Dimethylbenzimidazole Phosphoribosyltransferase'
2 non-polymer "N1-(5'-PHOSPHO-ALPHA-RIBOSYL)-5-METHOXYBENZIMIDAZOLE"
3 non-polymer 'NICOTINIC ACID'
4 water water
#
_entity_poly.entity_id   1
_entity_poly.type   'polypeptide(L)'
_entity_poly.pdbx_seq_one_letter_code
;MQTLHALLRDIPAPDAEAMARTQQHIDGLLKPPGSLGRLETLAVQLAGMPGLNGTPQVGEKAVLVMCADHGVWDEGVAVS
PKIVTAIQAANMTRGTTGVCVLAAQAGAKVHVIDVGIDAEPIPGVVNMRVARGCGNIAVGPAMSRLQAEALLLEVSRYTC
DLAQRGVTLFGVGELGMANTTPAAAMVSVFTGSDAKEVVGIGANLPPSRIDNKVDVVRRAIAINQPNPRDGIDVLSKVGG
FDLVGMTGVMLGAARCGLPVLLDGFLSYSAALAACQIAPAVRPYLIPSHFSAEKGARIALAHLSMEPYLHMAMRLGEGSG
AALAMPIVEAACAMFHNMGELAASNIVLPEGNANAT
;
_entity_poly.pdbx_strand_id   A
#
loop_
_chem_comp.id
_chem_comp.type
_chem_comp.name
_chem_comp.formula
NIO non-polymer 'NICOTINIC ACID' 'C6 H5 N O2'
PMO non-polymer N1-(5'-PHOSPHO-ALPHA-RIBOSYL)-5-METHOXYBENZIMIDAZOLE 'C13 H17 N2 O8 P'
#
# COMPACT_ATOMS: atom_id res chain seq x y z
N LEU A 4 -7.10 -12.87 -14.94
CA LEU A 4 -7.21 -12.30 -13.58
C LEU A 4 -7.48 -13.33 -12.52
N HIS A 5 -8.36 -14.26 -12.84
CA HIS A 5 -8.63 -15.33 -11.93
C HIS A 5 -7.40 -16.23 -12.03
N ALA A 6 -6.80 -16.19 -13.23
CA ALA A 6 -5.56 -16.88 -13.54
C ALA A 6 -4.50 -16.34 -12.61
N LEU A 7 -4.34 -15.02 -12.77
CA LEU A 7 -3.43 -14.26 -11.99
C LEU A 7 -3.54 -14.65 -10.54
N LEU A 8 -4.77 -14.55 -10.03
CA LEU A 8 -5.00 -14.82 -8.63
C LEU A 8 -4.68 -16.25 -8.26
N ARG A 9 -4.99 -17.15 -9.15
CA ARG A 9 -4.77 -18.55 -8.88
C ARG A 9 -3.31 -18.86 -8.69
N ASP A 10 -2.51 -18.17 -9.47
CA ASP A 10 -1.08 -18.41 -9.48
C ASP A 10 -0.24 -17.73 -8.42
N ILE A 11 -0.83 -17.07 -7.42
CA ILE A 11 -0.01 -16.45 -6.39
C ILE A 11 0.64 -17.55 -5.57
N PRO A 12 1.98 -17.56 -5.49
CA PRO A 12 2.66 -18.62 -4.77
C PRO A 12 2.52 -18.55 -3.28
N ALA A 13 2.57 -19.70 -2.67
CA ALA A 13 2.55 -19.73 -1.22
C ALA A 13 3.98 -19.48 -0.78
N PRO A 14 4.15 -19.13 0.48
CA PRO A 14 5.49 -18.91 1.01
C PRO A 14 6.27 -20.20 1.14
N ASP A 15 7.59 -20.09 1.03
CA ASP A 15 8.49 -21.23 1.11
C ASP A 15 8.88 -21.55 2.53
N ALA A 16 8.15 -22.48 3.13
CA ALA A 16 8.40 -22.86 4.49
C ALA A 16 9.80 -23.42 4.65
N GLU A 17 10.32 -24.08 3.62
CA GLU A 17 11.64 -24.66 3.68
C GLU A 17 12.68 -23.57 3.87
N ALA A 18 12.63 -22.53 3.02
CA ALA A 18 13.58 -21.43 3.12
C ALA A 18 13.45 -20.75 4.50
N MET A 19 12.19 -20.59 4.99
CA MET A 19 11.95 -19.94 6.28
C MET A 19 12.56 -20.72 7.46
N ALA A 20 12.46 -22.03 7.43
CA ALA A 20 13.06 -22.84 8.48
C ALA A 20 14.60 -22.66 8.48
N ARG A 21 15.19 -22.69 7.31
CA ARG A 21 16.62 -22.51 7.23
C ARG A 21 17.01 -21.11 7.73
N THR A 22 16.19 -20.13 7.41
CA THR A 22 16.47 -18.78 7.84
C THR A 22 16.43 -18.66 9.34
N GLN A 23 15.37 -19.23 9.91
CA GLN A 23 15.22 -19.16 11.36
C GLN A 23 16.43 -19.74 12.10
N GLN A 24 16.87 -20.89 11.63
CA GLN A 24 18.03 -21.54 12.23
C GLN A 24 19.28 -20.67 12.10
N HIS A 25 19.47 -20.06 10.95
CA HIS A 25 20.64 -19.23 10.78
C HIS A 25 20.64 -18.00 11.70
N ILE A 26 19.47 -17.41 11.81
CA ILE A 26 19.30 -16.26 12.69
C ILE A 26 19.59 -16.63 14.14
N ASP A 27 19.04 -17.77 14.55
CA ASP A 27 19.23 -18.19 15.94
C ASP A 27 20.70 -18.35 16.28
N GLY A 28 21.54 -18.71 15.30
CA GLY A 28 22.97 -18.91 15.54
C GLY A 28 23.83 -17.64 15.52
N LEU A 29 23.22 -16.51 15.28
CA LEU A 29 23.99 -15.29 15.20
C LEU A 29 24.53 -14.83 16.57
N LEU A 30 25.55 -13.95 16.53
CA LEU A 30 26.26 -13.40 17.71
C LEU A 30 25.39 -12.51 18.62
N LYS A 31 24.35 -13.07 19.24
CA LYS A 31 23.43 -12.32 20.10
C LYS A 31 22.56 -13.30 20.83
N PRO A 32 21.92 -12.85 21.88
CA PRO A 32 20.98 -13.73 22.57
C PRO A 32 19.82 -14.05 21.62
N PRO A 33 19.44 -15.31 21.55
CA PRO A 33 18.37 -15.68 20.66
C PRO A 33 17.10 -14.85 20.86
N GLY A 34 16.54 -14.42 19.71
CA GLY A 34 15.32 -13.60 19.64
C GLY A 34 15.49 -12.15 20.07
N SER A 35 16.73 -11.77 20.43
CA SER A 35 17.00 -10.42 20.90
C SER A 35 16.77 -9.33 19.90
N LEU A 36 16.82 -9.60 18.60
CA LEU A 36 16.58 -8.54 17.61
C LEU A 36 15.11 -8.42 17.21
N GLY A 37 14.26 -9.10 17.95
CA GLY A 37 12.81 -9.07 17.80
C GLY A 37 12.24 -9.05 16.40
N ARG A 38 11.43 -8.02 16.13
CA ARG A 38 10.77 -7.89 14.83
C ARG A 38 11.70 -7.86 13.59
N LEU A 39 12.95 -7.53 13.78
CA LEU A 39 13.92 -7.53 12.68
C LEU A 39 14.17 -8.99 12.28
N GLU A 40 14.11 -9.88 13.26
CA GLU A 40 14.29 -11.32 12.98
C GLU A 40 13.09 -11.90 12.25
N THR A 41 11.92 -11.55 12.75
CA THR A 41 10.66 -11.96 12.17
C THR A 41 10.58 -11.49 10.72
N LEU A 42 10.95 -10.23 10.52
CA LEU A 42 10.96 -9.65 9.19
C LEU A 42 11.87 -10.47 8.26
N ALA A 43 13.11 -10.72 8.69
CA ALA A 43 14.04 -11.49 7.90
C ALA A 43 13.43 -12.83 7.49
N VAL A 44 12.80 -13.48 8.44
CA VAL A 44 12.21 -14.77 8.13
C VAL A 44 11.09 -14.63 7.09
N GLN A 45 10.33 -13.55 7.22
CA GLN A 45 9.25 -13.31 6.29
C GLN A 45 9.77 -13.19 4.85
N LEU A 46 10.80 -12.37 4.69
CA LEU A 46 11.39 -12.19 3.37
C LEU A 46 11.96 -13.49 2.81
N ALA A 47 12.61 -14.29 3.65
CA ALA A 47 13.16 -15.54 3.16
C ALA A 47 12.09 -16.47 2.55
N GLY A 48 10.86 -16.31 3.00
CA GLY A 48 9.79 -17.17 2.49
C GLY A 48 9.21 -16.74 1.15
N MET A 49 9.60 -15.54 0.69
CA MET A 49 9.10 -14.96 -0.56
C MET A 49 9.87 -15.48 -1.76
N PRO A 50 9.18 -16.26 -2.59
CA PRO A 50 9.77 -16.91 -3.74
C PRO A 50 10.58 -16.10 -4.70
N GLY A 51 10.18 -14.86 -4.95
CA GLY A 51 10.94 -14.01 -5.85
C GLY A 51 12.29 -13.58 -5.25
N LEU A 52 12.55 -13.94 -3.98
CA LEU A 52 13.76 -13.55 -3.25
C LEU A 52 14.84 -14.63 -3.24
N ASN A 53 14.61 -15.72 -3.91
CA ASN A 53 15.72 -16.65 -3.93
C ASN A 53 16.24 -17.22 -2.59
N GLY A 54 15.29 -17.57 -1.74
CA GLY A 54 15.54 -18.26 -0.48
C GLY A 54 16.31 -17.54 0.60
N THR A 55 16.42 -16.23 0.48
CA THR A 55 17.16 -15.52 1.49
C THR A 55 16.66 -14.09 1.59
N PRO A 56 16.81 -13.44 2.76
CA PRO A 56 16.38 -12.06 2.82
C PRO A 56 17.39 -11.25 2.00
N GLN A 57 16.90 -10.56 0.98
CA GLN A 57 17.75 -9.76 0.14
C GLN A 57 16.96 -8.62 -0.50
N VAL A 58 17.66 -7.53 -0.78
CA VAL A 58 17.03 -6.39 -1.39
C VAL A 58 17.90 -5.96 -2.53
N GLY A 59 17.32 -5.96 -3.71
CA GLY A 59 18.04 -5.53 -4.91
C GLY A 59 17.63 -4.10 -5.16
N GLU A 60 16.96 -3.85 -6.29
CA GLU A 60 16.46 -2.49 -6.56
C GLU A 60 15.12 -2.29 -5.89
N LYS A 61 14.82 -1.03 -5.58
CA LYS A 61 13.60 -0.57 -4.90
C LYS A 61 12.80 0.42 -5.73
N ALA A 62 11.47 0.28 -5.68
CA ALA A 62 10.59 1.19 -6.41
C ALA A 62 9.35 1.58 -5.62
N VAL A 63 8.97 2.83 -5.73
CA VAL A 63 7.74 3.29 -5.12
C VAL A 63 6.81 3.64 -6.26
N LEU A 64 5.63 3.02 -6.31
CA LEU A 64 4.65 3.27 -7.36
C LEU A 64 3.55 4.16 -6.81
N VAL A 65 3.43 5.35 -7.39
CA VAL A 65 2.46 6.32 -6.95
C VAL A 65 1.32 6.43 -7.94
N MET A 66 0.11 6.04 -7.46
CA MET A 66 -1.10 6.03 -8.27
C MET A 66 -1.89 7.31 -8.07
N CYS A 67 -2.03 8.07 -9.14
CA CYS A 67 -2.71 9.34 -9.08
C CYS A 67 -4.03 9.35 -9.80
N ALA A 68 -5.02 9.98 -9.17
CA ALA A 68 -6.33 10.07 -9.75
C ALA A 68 -7.18 11.06 -9.03
N ASP A 69 -8.21 11.57 -9.72
CA ASP A 69 -9.13 12.50 -9.14
C ASP A 69 -10.44 11.79 -8.79
N HIS A 70 -11.23 12.41 -7.91
CA HIS A 70 -12.46 11.82 -7.44
C HIS A 70 -13.65 12.78 -7.59
N GLY A 71 -14.78 12.25 -8.05
CA GLY A 71 -15.96 13.09 -8.19
C GLY A 71 -16.46 13.55 -6.83
N VAL A 72 -16.27 12.70 -5.83
CA VAL A 72 -16.74 13.06 -4.50
C VAL A 72 -16.11 14.36 -3.99
N TRP A 73 -15.09 14.86 -4.67
CA TRP A 73 -14.52 16.15 -4.24
C TRP A 73 -15.61 17.24 -4.23
N ASP A 74 -16.53 17.17 -5.20
CA ASP A 74 -17.60 18.15 -5.31
C ASP A 74 -18.50 18.21 -4.08
N GLU A 75 -18.40 17.21 -3.19
CA GLU A 75 -19.21 17.14 -1.97
C GLU A 75 -18.66 18.00 -0.83
N GLY A 76 -17.56 18.71 -1.08
CA GLY A 76 -16.96 19.54 -0.05
C GLY A 76 -16.24 18.75 1.05
N VAL A 77 -15.70 17.57 0.72
CA VAL A 77 -15.00 16.73 1.69
C VAL A 77 -13.48 16.97 1.75
N ALA A 78 -12.96 17.84 0.88
CA ALA A 78 -11.50 18.16 0.83
C ALA A 78 -11.19 19.66 0.62
N VAL A 79 -10.24 20.21 1.40
CA VAL A 79 -9.87 21.61 1.32
C VAL A 79 -8.78 21.93 0.32
N SER A 80 -8.12 20.91 -0.20
CA SER A 80 -7.11 21.15 -1.21
C SER A 80 -7.81 21.35 -2.56
N PRO A 81 -7.39 22.35 -3.33
CA PRO A 81 -7.99 22.54 -4.63
C PRO A 81 -7.81 21.30 -5.53
N LYS A 82 -8.84 20.98 -6.31
CA LYS A 82 -8.80 19.80 -7.17
C LYS A 82 -7.55 19.70 -8.01
N ILE A 83 -7.18 20.83 -8.59
CA ILE A 83 -6.00 20.91 -9.40
C ILE A 83 -4.68 20.47 -8.73
N VAL A 84 -4.62 20.45 -7.40
CA VAL A 84 -3.43 20.03 -6.70
C VAL A 84 -2.96 18.63 -7.16
N THR A 85 -3.89 17.75 -7.53
CA THR A 85 -3.50 16.41 -8.00
C THR A 85 -2.58 16.47 -9.21
N ALA A 86 -3.02 17.21 -10.22
CA ALA A 86 -2.31 17.38 -11.46
C ALA A 86 -0.98 18.08 -11.20
N ILE A 87 -1.07 19.12 -10.39
CA ILE A 87 0.14 19.90 -10.06
C ILE A 87 1.22 19.06 -9.37
N GLN A 88 0.81 18.45 -8.27
CA GLN A 88 1.67 17.64 -7.45
C GLN A 88 2.22 16.44 -8.25
N ALA A 89 1.36 15.90 -9.11
CA ALA A 89 1.82 14.80 -9.94
C ALA A 89 2.99 15.26 -10.82
N ALA A 90 2.88 16.47 -11.36
CA ALA A 90 3.96 17.02 -12.16
C ALA A 90 5.23 17.16 -11.32
N ASN A 91 5.05 17.67 -10.11
CA ASN A 91 6.17 17.83 -9.19
C ASN A 91 6.86 16.50 -8.91
N MET A 92 6.09 15.42 -8.97
CA MET A 92 6.72 14.14 -8.72
C MET A 92 7.82 13.89 -9.73
N THR A 93 7.62 14.40 -10.95
CA THR A 93 8.60 14.23 -12.02
C THR A 93 9.85 15.08 -11.78
N ARG A 94 9.73 16.06 -10.90
CA ARG A 94 10.82 16.97 -10.60
C ARG A 94 11.58 16.64 -9.36
N GLY A 95 11.16 15.62 -8.64
CA GLY A 95 11.83 15.16 -7.44
C GLY A 95 11.68 16.11 -6.26
N THR A 96 10.67 16.96 -6.28
CA THR A 96 10.54 17.91 -5.19
C THR A 96 9.54 17.53 -4.15
N THR A 97 8.81 16.44 -4.33
CA THR A 97 7.80 16.05 -3.33
C THR A 97 8.39 15.24 -2.18
N GLY A 98 7.56 15.06 -1.17
CA GLY A 98 7.95 14.31 0.02
C GLY A 98 8.38 12.88 -0.30
N VAL A 99 7.58 12.14 -1.10
CA VAL A 99 8.00 10.77 -1.41
C VAL A 99 9.30 10.79 -2.15
N CYS A 100 9.40 11.73 -3.08
CA CYS A 100 10.58 11.85 -3.89
C CYS A 100 11.86 11.97 -3.07
N VAL A 101 11.82 12.88 -2.13
CA VAL A 101 12.95 13.15 -1.27
C VAL A 101 13.29 11.98 -0.37
N LEU A 102 12.27 11.37 0.18
CA LEU A 102 12.45 10.22 1.06
C LEU A 102 12.87 8.99 0.27
N ALA A 103 12.32 8.82 -0.94
CA ALA A 103 12.73 7.69 -1.76
C ALA A 103 14.21 7.83 -2.13
N ALA A 104 14.62 9.05 -2.50
CA ALA A 104 16.03 9.29 -2.85
C ALA A 104 16.96 8.94 -1.72
N GLN A 105 16.51 9.28 -0.51
CA GLN A 105 17.26 8.98 0.70
C GLN A 105 17.43 7.47 0.85
N ALA A 106 16.40 6.70 0.47
CA ALA A 106 16.38 5.24 0.56
C ALA A 106 16.96 4.53 -0.65
N GLY A 107 17.32 5.29 -1.68
CA GLY A 107 17.88 4.77 -2.90
C GLY A 107 16.85 4.05 -3.74
N ALA A 108 15.62 4.48 -3.61
CA ALA A 108 14.49 3.90 -4.35
C ALA A 108 14.08 4.82 -5.49
N LYS A 109 13.52 4.23 -6.54
CA LYS A 109 13.05 5.00 -7.67
C LYS A 109 11.54 5.18 -7.57
N VAL A 110 11.07 6.39 -7.87
CA VAL A 110 9.66 6.69 -7.85
C VAL A 110 9.01 6.55 -9.23
N HIS A 111 7.94 5.76 -9.30
CA HIS A 111 7.20 5.59 -10.55
C HIS A 111 5.85 6.26 -10.43
N VAL A 112 5.65 7.35 -11.16
CA VAL A 112 4.38 8.07 -11.10
C VAL A 112 3.43 7.56 -12.17
N ILE A 113 2.28 7.07 -11.74
CA ILE A 113 1.31 6.52 -12.67
C ILE A 113 -0.02 7.25 -12.59
N ASP A 114 -0.45 7.74 -13.73
CA ASP A 114 -1.72 8.42 -13.83
C ASP A 114 -2.80 7.39 -14.14
N VAL A 115 -3.69 7.14 -13.18
CA VAL A 115 -4.77 6.21 -13.39
C VAL A 115 -6.10 6.93 -13.60
N GLY A 116 -6.06 8.27 -13.57
CA GLY A 116 -7.30 8.99 -13.75
C GLY A 116 -7.33 10.40 -13.22
N ILE A 117 -6.29 11.17 -13.57
CA ILE A 117 -6.24 12.56 -13.16
C ILE A 117 -7.20 13.35 -14.05
N ASP A 118 -7.95 14.30 -13.50
CA ASP A 118 -8.89 15.09 -14.28
C ASP A 118 -8.18 16.34 -14.79
N ALA A 119 -7.34 16.14 -15.77
CA ALA A 119 -6.55 17.18 -16.36
C ALA A 119 -5.88 16.64 -17.60
N GLU A 120 -5.08 17.48 -18.25
CA GLU A 120 -4.41 16.97 -19.43
C GLU A 120 -3.30 16.05 -19.02
N PRO A 121 -2.93 15.13 -19.89
CA PRO A 121 -1.84 14.21 -19.61
C PRO A 121 -0.58 14.94 -19.24
N ILE A 122 0.14 14.42 -18.28
CA ILE A 122 1.36 15.07 -17.84
C ILE A 122 2.53 14.32 -18.41
N PRO A 123 3.37 15.07 -19.06
CA PRO A 123 4.52 14.46 -19.64
C PRO A 123 5.44 13.91 -18.55
N GLY A 124 5.98 12.71 -18.78
CA GLY A 124 6.87 12.10 -17.82
C GLY A 124 6.15 11.17 -16.88
N VAL A 125 4.82 11.24 -16.91
CA VAL A 125 4.01 10.39 -16.05
C VAL A 125 3.52 9.17 -16.79
N VAL A 126 3.59 7.99 -16.15
CA VAL A 126 3.08 6.80 -16.81
C VAL A 126 1.57 6.88 -17.03
N ASN A 127 1.17 6.71 -18.27
CA ASN A 127 -0.23 6.85 -18.60
C ASN A 127 -1.07 5.56 -18.57
N MET A 128 -1.94 5.42 -17.56
CA MET A 128 -2.85 4.29 -17.47
C MET A 128 -4.25 4.79 -17.13
N ARG A 129 -4.54 5.99 -17.61
CA ARG A 129 -5.78 6.69 -17.28
C ARG A 129 -7.08 6.04 -17.67
N VAL A 130 -7.89 5.78 -16.66
CA VAL A 130 -9.18 5.16 -16.90
C VAL A 130 -10.14 6.14 -17.47
N ALA A 131 -10.22 7.27 -16.76
CA ALA A 131 -11.06 8.39 -17.09
C ALA A 131 -10.56 9.65 -16.41
N ARG A 132 -11.13 10.79 -16.77
CA ARG A 132 -10.78 12.07 -16.18
C ARG A 132 -11.50 12.17 -14.83
N GLY A 133 -10.96 11.47 -13.82
CA GLY A 133 -11.56 11.42 -12.48
C GLY A 133 -12.62 10.30 -12.39
N CYS A 134 -12.89 9.77 -11.18
CA CYS A 134 -13.86 8.71 -11.07
C CYS A 134 -15.26 9.28 -10.74
N GLY A 135 -16.32 8.42 -10.75
CA GLY A 135 -17.64 8.89 -10.44
C GLY A 135 -17.74 9.32 -8.95
N ASN A 136 -18.68 10.23 -8.68
CA ASN A 136 -18.93 10.74 -7.32
C ASN A 136 -19.67 9.65 -6.55
N ILE A 137 -18.94 8.98 -5.68
CA ILE A 137 -19.49 7.85 -4.91
C ILE A 137 -20.68 8.23 -4.06
N ALA A 138 -20.92 9.50 -3.84
CA ALA A 138 -22.05 9.86 -3.02
C ALA A 138 -23.38 9.63 -3.72
N VAL A 139 -23.34 9.56 -5.06
CA VAL A 139 -24.57 9.42 -5.81
C VAL A 139 -24.59 8.22 -6.71
N GLY A 140 -23.52 7.46 -6.69
CA GLY A 140 -23.45 6.29 -7.54
C GLY A 140 -22.10 5.66 -7.38
N PRO A 141 -21.77 4.68 -8.23
CA PRO A 141 -20.49 4.02 -8.14
C PRO A 141 -19.36 4.87 -8.72
N ALA A 142 -18.16 4.56 -8.26
CA ALA A 142 -16.96 5.21 -8.73
C ALA A 142 -16.64 4.80 -10.20
N MET A 143 -16.94 3.56 -10.58
CA MET A 143 -16.64 3.07 -11.90
C MET A 143 -17.34 1.78 -12.08
N SER A 144 -17.14 1.14 -13.23
CA SER A 144 -17.73 -0.17 -13.49
C SER A 144 -16.80 -1.27 -13.05
N ARG A 145 -17.39 -2.45 -12.77
CA ARG A 145 -16.62 -3.62 -12.37
C ARG A 145 -15.56 -3.89 -13.40
N LEU A 146 -15.99 -3.83 -14.66
CA LEU A 146 -15.12 -4.05 -15.79
C LEU A 146 -13.91 -3.15 -15.68
N GLN A 147 -14.17 -1.87 -15.45
CA GLN A 147 -13.10 -0.89 -15.30
C GLN A 147 -12.18 -1.23 -14.14
N ALA A 148 -12.77 -1.67 -13.04
CA ALA A 148 -11.94 -2.02 -11.91
C ALA A 148 -11.02 -3.19 -12.24
N GLU A 149 -11.61 -4.25 -12.79
CA GLU A 149 -10.87 -5.45 -13.17
C GLU A 149 -9.77 -5.21 -14.18
N ALA A 150 -10.04 -4.37 -15.17
CA ALA A 150 -9.03 -4.08 -16.18
C ALA A 150 -7.83 -3.36 -15.58
N LEU A 151 -8.14 -2.38 -14.74
CA LEU A 151 -7.08 -1.63 -14.07
C LEU A 151 -6.24 -2.56 -13.17
N LEU A 152 -6.93 -3.35 -12.36
CA LEU A 152 -6.24 -4.32 -11.51
C LEU A 152 -5.20 -5.09 -12.33
N LEU A 153 -5.68 -5.59 -13.47
CA LEU A 153 -4.90 -6.38 -14.39
C LEU A 153 -3.71 -5.66 -14.96
N GLU A 154 -3.99 -4.49 -15.48
CA GLU A 154 -2.95 -3.68 -16.07
C GLU A 154 -1.85 -3.30 -15.06
N VAL A 155 -2.24 -2.87 -13.86
CA VAL A 155 -1.27 -2.48 -12.84
C VAL A 155 -0.44 -3.69 -12.36
N SER A 156 -1.14 -4.82 -12.17
CA SER A 156 -0.56 -6.08 -11.73
C SER A 156 0.61 -6.45 -12.59
N ARG A 157 0.34 -6.39 -13.90
CA ARG A 157 1.32 -6.77 -14.91
C ARG A 157 2.50 -5.81 -14.89
N TYR A 158 2.17 -4.51 -14.87
CA TYR A 158 3.19 -3.48 -14.83
C TYR A 158 4.14 -3.77 -13.65
N THR A 159 3.54 -4.10 -12.53
CA THR A 159 4.30 -4.37 -11.31
C THR A 159 5.28 -5.53 -11.43
N CYS A 160 4.78 -6.66 -11.94
CA CYS A 160 5.56 -7.89 -12.09
C CYS A 160 6.68 -7.70 -13.15
N ASP A 161 6.37 -6.91 -14.18
CA ASP A 161 7.33 -6.58 -15.22
C ASP A 161 8.55 -5.89 -14.63
N LEU A 162 8.35 -4.97 -13.64
CA LEU A 162 9.52 -4.31 -13.02
C LEU A 162 10.42 -5.32 -12.37
N ALA A 163 9.83 -6.40 -11.86
CA ALA A 163 10.57 -7.44 -11.22
C ALA A 163 11.63 -7.98 -12.17
N GLN A 164 11.28 -8.00 -13.44
CA GLN A 164 12.13 -8.44 -14.49
C GLN A 164 13.34 -7.54 -14.67
N ARG A 165 13.24 -6.34 -14.17
CA ARG A 165 14.30 -5.35 -14.29
C ARG A 165 15.18 -5.22 -13.04
N GLY A 166 15.04 -6.12 -12.09
CA GLY A 166 15.87 -6.01 -10.93
C GLY A 166 15.16 -5.53 -9.67
N VAL A 167 13.93 -5.04 -9.78
CA VAL A 167 13.22 -4.59 -8.59
C VAL A 167 12.86 -5.78 -7.69
N THR A 168 13.20 -5.67 -6.41
CA THR A 168 12.88 -6.74 -5.48
C THR A 168 11.97 -6.27 -4.35
N LEU A 169 11.82 -4.96 -4.21
CA LEU A 169 11.03 -4.40 -3.11
C LEU A 169 10.16 -3.28 -3.59
N PHE A 170 8.88 -3.39 -3.34
CA PHE A 170 8.02 -2.31 -3.79
C PHE A 170 7.48 -1.56 -2.62
N GLY A 171 7.02 -0.38 -2.91
CA GLY A 171 6.38 0.50 -1.96
C GLY A 171 5.15 1.03 -2.72
N VAL A 172 4.04 1.23 -2.05
CA VAL A 172 2.86 1.74 -2.73
C VAL A 172 2.48 3.14 -2.25
N GLY A 173 1.97 3.93 -3.16
CA GLY A 173 1.56 5.26 -2.75
C GLY A 173 0.45 5.80 -3.65
N GLU A 174 -0.07 6.98 -3.31
CA GLU A 174 -1.13 7.62 -4.07
C GLU A 174 -1.06 9.13 -4.01
N LEU A 175 -1.99 9.74 -4.76
CA LEU A 175 -2.18 11.18 -4.90
C LEU A 175 -3.57 11.40 -5.47
N GLY A 176 -4.43 12.07 -4.73
CA GLY A 176 -5.79 12.30 -5.19
C GLY A 176 -6.56 13.06 -4.14
N MET A 177 -6.78 14.35 -4.42
CA MET A 177 -7.51 15.20 -3.49
C MET A 177 -8.86 14.55 -3.25
N ALA A 178 -9.27 14.45 -1.98
CA ALA A 178 -10.53 13.83 -1.55
C ALA A 178 -10.47 12.30 -1.36
N ASN A 179 -9.32 11.70 -1.66
CA ASN A 179 -9.18 10.24 -1.53
C ASN A 179 -9.42 9.58 -0.17
N THR A 180 -9.30 10.36 0.92
CA THR A 180 -9.53 9.81 2.25
C THR A 180 -11.00 9.49 2.50
N THR A 181 -11.85 10.05 1.64
CA THR A 181 -13.27 9.78 1.75
C THR A 181 -13.60 8.34 1.27
N PRO A 182 -13.31 7.97 0.02
CA PRO A 182 -13.54 6.59 -0.41
C PRO A 182 -12.74 5.62 0.48
N ALA A 183 -11.54 6.04 0.89
CA ALA A 183 -10.74 5.19 1.78
C ALA A 183 -11.52 4.87 3.06
N ALA A 184 -12.16 5.89 3.63
CA ALA A 184 -12.96 5.65 4.82
C ALA A 184 -14.16 4.75 4.52
N ALA A 185 -14.78 4.97 3.37
CA ALA A 185 -15.93 4.16 2.99
C ALA A 185 -15.58 2.68 2.94
N MET A 186 -14.47 2.37 2.25
CA MET A 186 -14.00 1.00 2.15
C MET A 186 -13.72 0.39 3.53
N VAL A 187 -13.05 1.14 4.37
CA VAL A 187 -12.71 0.64 5.69
C VAL A 187 -13.95 0.30 6.50
N SER A 188 -14.92 1.21 6.44
CA SER A 188 -16.18 1.02 7.12
C SER A 188 -16.83 -0.27 6.66
N VAL A 189 -16.84 -0.44 5.34
CA VAL A 189 -17.41 -1.59 4.71
C VAL A 189 -16.70 -2.90 5.06
N PHE A 190 -15.40 -2.94 4.86
CA PHE A 190 -14.66 -4.16 5.15
C PHE A 190 -14.60 -4.55 6.63
N THR A 191 -14.59 -3.56 7.50
CA THR A 191 -14.44 -3.85 8.91
C THR A 191 -15.76 -3.84 9.66
N GLY A 192 -16.83 -3.38 9.04
CA GLY A 192 -18.10 -3.34 9.73
C GLY A 192 -18.16 -2.23 10.77
N SER A 193 -17.27 -1.25 10.67
CA SER A 193 -17.25 -0.11 11.59
C SER A 193 -18.13 1.00 11.11
N ASP A 194 -18.71 1.73 12.04
CA ASP A 194 -19.53 2.84 11.65
C ASP A 194 -18.64 3.95 11.10
N ALA A 195 -19.15 4.72 10.13
CA ALA A 195 -18.42 5.82 9.52
C ALA A 195 -17.80 6.82 10.49
N LYS A 196 -18.52 7.17 11.54
CA LYS A 196 -17.96 8.16 12.41
C LYS A 196 -16.63 7.69 12.99
N GLU A 197 -16.54 6.39 13.22
CA GLU A 197 -15.35 5.81 13.80
C GLU A 197 -14.11 5.81 12.89
N VAL A 198 -14.31 5.84 11.59
CA VAL A 198 -13.19 5.76 10.66
C VAL A 198 -12.98 6.96 9.79
N VAL A 199 -13.77 8.00 9.94
CA VAL A 199 -13.60 9.17 9.11
C VAL A 199 -12.62 10.13 9.78
N GLY A 200 -11.53 10.50 9.07
CA GLY A 200 -10.55 11.41 9.63
C GLY A 200 -10.52 12.79 8.98
N ILE A 201 -9.53 13.61 9.37
CA ILE A 201 -9.41 14.96 8.83
C ILE A 201 -8.67 15.01 7.49
N GLY A 202 -8.14 13.86 7.05
CA GLY A 202 -7.43 13.86 5.78
C GLY A 202 -6.34 14.95 5.73
N ALA A 203 -6.32 15.69 4.64
CA ALA A 203 -5.33 16.73 4.47
C ALA A 203 -5.83 18.02 5.10
N ASN A 204 -5.83 18.04 6.42
CA ASN A 204 -6.24 19.21 7.17
C ASN A 204 -7.70 19.66 7.00
N LEU A 205 -8.65 18.75 7.00
CA LEU A 205 -10.04 19.20 6.91
C LEU A 205 -10.39 19.86 8.24
N PRO A 206 -11.01 21.04 8.23
CA PRO A 206 -11.39 21.68 9.47
C PRO A 206 -12.37 20.83 10.26
N PRO A 207 -12.18 20.82 11.58
CA PRO A 207 -13.00 20.00 12.44
C PRO A 207 -14.50 20.20 12.26
N SER A 208 -14.87 21.39 11.87
CA SER A 208 -16.28 21.65 11.67
C SER A 208 -16.86 20.82 10.53
N ARG A 209 -16.09 20.77 9.42
CA ARG A 209 -16.42 20.10 8.18
C ARG A 209 -16.52 18.58 8.26
N ILE A 210 -16.14 18.02 9.39
CA ILE A 210 -16.15 16.59 9.57
C ILE A 210 -17.52 15.95 9.38
N ASP A 211 -18.52 16.49 10.05
CA ASP A 211 -19.86 15.97 9.97
C ASP A 211 -20.30 15.71 8.54
N ASN A 212 -20.04 16.68 7.70
CA ASN A 212 -20.40 16.54 6.31
C ASN A 212 -19.70 15.32 5.65
N LYS A 213 -18.40 15.16 5.95
CA LYS A 213 -17.65 14.03 5.41
C LYS A 213 -18.26 12.70 5.87
N VAL A 214 -18.67 12.63 7.14
CA VAL A 214 -19.30 11.42 7.66
C VAL A 214 -20.60 11.09 6.92
N ASP A 215 -21.43 12.12 6.73
CA ASP A 215 -22.70 11.97 6.00
C ASP A 215 -22.49 11.43 4.58
N VAL A 216 -21.49 11.98 3.90
CA VAL A 216 -21.14 11.58 2.56
C VAL A 216 -20.75 10.11 2.51
N VAL A 217 -19.90 9.69 3.46
CA VAL A 217 -19.51 8.28 3.50
C VAL A 217 -20.73 7.38 3.65
N ARG A 218 -21.62 7.75 4.57
CA ARG A 218 -22.83 6.95 4.82
C ARG A 218 -23.71 6.88 3.59
N ARG A 219 -23.85 8.02 2.91
CA ARG A 219 -24.66 8.07 1.71
C ARG A 219 -24.11 7.13 0.64
N ALA A 220 -22.79 7.20 0.51
CA ALA A 220 -22.12 6.38 -0.49
C ALA A 220 -22.41 4.92 -0.30
N ILE A 221 -22.40 4.52 0.95
CA ILE A 221 -22.66 3.15 1.27
C ILE A 221 -24.10 2.77 1.06
N ALA A 222 -24.99 3.58 1.61
CA ALA A 222 -26.42 3.31 1.49
C ALA A 222 -26.81 3.18 0.05
N ILE A 223 -26.31 4.13 -0.73
CA ILE A 223 -26.65 4.18 -2.12
C ILE A 223 -26.12 3.06 -2.98
N ASN A 224 -24.86 2.69 -2.81
CA ASN A 224 -24.26 1.66 -3.64
C ASN A 224 -24.42 0.24 -3.11
N GLN A 225 -24.59 0.08 -1.82
CA GLN A 225 -24.74 -1.28 -1.29
C GLN A 225 -23.62 -2.18 -1.74
N PRO A 226 -22.40 -1.82 -1.41
CA PRO A 226 -21.26 -2.63 -1.78
C PRO A 226 -21.25 -3.92 -0.96
N ASN A 227 -20.87 -5.03 -1.59
CA ASN A 227 -20.83 -6.28 -0.86
C ASN A 227 -19.42 -6.54 -0.30
N PRO A 228 -19.34 -6.55 1.01
CA PRO A 228 -18.10 -6.73 1.73
C PRO A 228 -17.38 -8.02 1.44
N ARG A 229 -18.11 -9.01 0.96
CA ARG A 229 -17.47 -10.25 0.66
C ARG A 229 -16.86 -10.27 -0.74
N ASP A 230 -17.05 -9.19 -1.48
CA ASP A 230 -16.52 -9.05 -2.83
C ASP A 230 -15.69 -7.77 -2.93
N GLY A 231 -14.35 -7.88 -2.76
CA GLY A 231 -13.44 -6.75 -2.78
C GLY A 231 -13.50 -5.92 -4.06
N ILE A 232 -13.74 -6.59 -5.18
CA ILE A 232 -13.83 -5.87 -6.45
C ILE A 232 -15.11 -5.05 -6.49
N ASP A 233 -16.13 -5.57 -5.84
CA ASP A 233 -17.41 -4.88 -5.77
C ASP A 233 -17.26 -3.58 -4.99
N VAL A 234 -16.58 -3.70 -3.88
CA VAL A 234 -16.38 -2.58 -3.01
C VAL A 234 -15.54 -1.49 -3.66
N LEU A 235 -14.40 -1.89 -4.19
CA LEU A 235 -13.49 -0.98 -4.87
C LEU A 235 -14.20 -0.17 -5.96
N SER A 236 -14.97 -0.91 -6.77
CA SER A 236 -15.65 -0.31 -7.91
C SER A 236 -16.76 0.67 -7.56
N LYS A 237 -17.43 0.37 -6.47
CA LYS A 237 -18.56 1.14 -6.00
C LYS A 237 -18.16 2.32 -5.17
N VAL A 238 -17.40 2.06 -4.12
CA VAL A 238 -17.03 3.17 -3.26
C VAL A 238 -15.54 3.46 -3.18
N GLY A 239 -14.76 2.92 -4.11
CA GLY A 239 -13.32 3.19 -4.06
C GLY A 239 -12.98 4.35 -5.00
N GLY A 240 -11.85 4.26 -5.71
CA GLY A 240 -11.35 5.26 -6.66
C GLY A 240 -10.30 4.58 -7.53
N PHE A 241 -9.88 5.23 -8.62
CA PHE A 241 -8.88 4.64 -9.49
C PHE A 241 -7.54 4.44 -8.79
N ASP A 242 -7.20 5.42 -7.98
CA ASP A 242 -5.95 5.36 -7.22
C ASP A 242 -5.96 4.19 -6.26
N LEU A 243 -7.08 4.00 -5.53
CA LEU A 243 -7.21 2.87 -4.59
C LEU A 243 -7.08 1.52 -5.31
N VAL A 244 -7.74 1.46 -6.45
CA VAL A 244 -7.69 0.28 -7.28
C VAL A 244 -6.24 0.01 -7.71
N GLY A 245 -5.57 1.06 -8.23
CA GLY A 245 -4.18 0.96 -8.65
C GLY A 245 -3.29 0.39 -7.53
N MET A 246 -3.45 0.89 -6.30
CA MET A 246 -2.65 0.39 -5.15
C MET A 246 -2.93 -1.10 -4.90
N THR A 247 -4.21 -1.48 -4.94
CA THR A 247 -4.56 -2.89 -4.79
C THR A 247 -3.87 -3.72 -5.89
N GLY A 248 -3.87 -3.21 -7.13
CA GLY A 248 -3.20 -3.90 -8.23
C GLY A 248 -1.68 -4.09 -7.99
N VAL A 249 -1.02 -3.12 -7.33
CA VAL A 249 0.42 -3.28 -7.09
C VAL A 249 0.64 -4.47 -6.13
N MET A 250 -0.25 -4.55 -5.15
CA MET A 250 -0.22 -5.62 -4.18
C MET A 250 -0.45 -6.99 -4.81
N LEU A 251 -1.40 -7.05 -5.74
CA LEU A 251 -1.66 -8.33 -6.39
C LEU A 251 -0.49 -8.74 -7.28
N GLY A 252 0.11 -7.75 -7.97
CA GLY A 252 1.25 -7.99 -8.86
C GLY A 252 2.52 -8.44 -8.15
N ALA A 253 2.82 -7.76 -7.03
CA ALA A 253 3.99 -8.12 -6.27
C ALA A 253 3.88 -9.54 -5.71
N ALA A 254 2.69 -9.85 -5.19
CA ALA A 254 2.44 -11.18 -4.63
C ALA A 254 2.54 -12.26 -5.70
N ARG A 255 1.96 -11.99 -6.87
CA ARG A 255 2.01 -12.96 -7.97
C ARG A 255 3.49 -13.21 -8.32
N CYS A 256 4.23 -12.12 -8.32
CA CYS A 256 5.64 -12.10 -8.58
C CYS A 256 6.45 -12.68 -7.42
N GLY A 257 5.78 -12.98 -6.31
CA GLY A 257 6.41 -13.52 -5.10
C GLY A 257 7.35 -12.53 -4.43
N LEU A 258 6.97 -11.24 -4.51
CA LEU A 258 7.80 -10.20 -3.92
C LEU A 258 7.10 -9.40 -2.83
N PRO A 259 7.89 -8.75 -1.97
CA PRO A 259 7.34 -7.95 -0.86
C PRO A 259 6.94 -6.55 -1.29
N VAL A 260 5.87 -6.10 -0.64
CA VAL A 260 5.33 -4.77 -0.81
C VAL A 260 5.22 -4.09 0.53
N LEU A 261 5.73 -2.87 0.57
CA LEU A 261 5.63 -2.08 1.77
C LEU A 261 4.38 -1.22 1.66
N LEU A 262 3.52 -1.32 2.67
CA LEU A 262 2.34 -0.48 2.77
C LEU A 262 2.79 0.95 3.12
N ASP A 263 1.87 1.91 2.96
CA ASP A 263 2.14 3.28 3.32
C ASP A 263 1.24 3.62 4.53
N GLY A 264 0.31 4.55 4.33
CA GLY A 264 -0.61 4.95 5.36
C GLY A 264 -2.06 4.51 5.13
N PHE A 265 -2.96 5.35 5.64
CA PHE A 265 -4.40 5.10 5.57
C PHE A 265 -4.96 4.66 4.23
N LEU A 266 -4.64 5.40 3.15
CA LEU A 266 -5.16 5.03 1.83
C LEU A 266 -4.73 3.61 1.53
N SER A 267 -3.47 3.33 1.85
CA SER A 267 -2.93 2.01 1.58
C SER A 267 -3.58 0.93 2.41
N TYR A 268 -3.95 1.24 3.66
CA TYR A 268 -4.62 0.19 4.44
C TYR A 268 -5.92 -0.18 3.76
N SER A 269 -6.66 0.82 3.25
CA SER A 269 -7.90 0.48 2.62
C SER A 269 -7.72 -0.46 1.40
N ALA A 270 -6.71 -0.15 0.60
CA ALA A 270 -6.40 -0.99 -0.56
C ALA A 270 -5.95 -2.38 -0.11
N ALA A 271 -5.26 -2.44 1.02
CA ALA A 271 -4.79 -3.75 1.49
C ALA A 271 -5.95 -4.63 1.92
N LEU A 272 -6.94 -4.01 2.53
CA LEU A 272 -8.14 -4.73 2.97
C LEU A 272 -8.82 -5.39 1.75
N ALA A 273 -8.93 -4.59 0.68
CA ALA A 273 -9.51 -5.08 -0.57
C ALA A 273 -8.71 -6.23 -1.15
N ALA A 274 -7.42 -6.02 -1.27
CA ALA A 274 -6.54 -7.02 -1.82
C ALA A 274 -6.65 -8.36 -1.08
N CYS A 275 -6.68 -8.27 0.23
CA CYS A 275 -6.77 -9.46 1.07
C CYS A 275 -8.12 -10.14 0.98
N GLN A 276 -9.13 -9.33 0.69
CA GLN A 276 -10.48 -9.86 0.53
C GLN A 276 -10.51 -10.62 -0.78
N ILE A 277 -9.90 -10.01 -1.77
CA ILE A 277 -9.83 -10.58 -3.10
C ILE A 277 -8.98 -11.82 -3.15
N ALA A 278 -7.88 -11.83 -2.40
CA ALA A 278 -6.95 -12.94 -2.41
C ALA A 278 -6.12 -12.96 -1.16
N PRO A 279 -6.52 -13.85 -0.25
CA PRO A 279 -5.85 -14.01 1.00
C PRO A 279 -4.40 -14.38 0.82
N ALA A 280 -4.09 -15.05 -0.28
CA ALA A 280 -2.71 -15.42 -0.57
C ALA A 280 -1.81 -14.19 -0.62
N VAL A 281 -2.41 -13.01 -0.71
CA VAL A 281 -1.61 -11.79 -0.79
C VAL A 281 -0.90 -11.37 0.51
N ARG A 282 -1.57 -11.68 1.60
CA ARG A 282 -1.17 -11.27 2.94
C ARG A 282 0.29 -11.37 3.32
N PRO A 283 0.85 -12.53 3.11
CA PRO A 283 2.20 -12.78 3.49
C PRO A 283 3.25 -11.94 2.79
N TYR A 284 2.86 -11.26 1.72
CA TYR A 284 3.79 -10.40 0.95
C TYR A 284 3.77 -8.95 1.45
N LEU A 285 2.75 -8.64 2.26
CA LEU A 285 2.53 -7.31 2.81
C LEU A 285 3.40 -7.00 4.04
N ILE A 286 4.00 -5.82 4.04
CA ILE A 286 4.83 -5.36 5.13
C ILE A 286 4.37 -3.96 5.52
N PRO A 287 3.97 -3.77 6.77
CA PRO A 287 3.51 -2.44 7.19
C PRO A 287 4.72 -1.51 7.29
N SER A 288 4.51 -0.19 7.18
CA SER A 288 5.60 0.76 7.34
C SER A 288 5.33 1.54 8.62
N HIS A 289 4.42 2.50 8.50
CA HIS A 289 4.16 3.34 9.65
C HIS A 289 2.71 3.35 10.07
N PHE A 290 2.50 3.99 11.21
CA PHE A 290 1.19 4.10 11.81
C PHE A 290 0.58 5.46 11.49
N SER A 291 -0.28 5.51 10.47
CA SER A 291 -0.89 6.76 10.04
C SER A 291 -1.64 7.50 11.15
N ALA A 292 -1.54 8.82 11.16
CA ALA A 292 -2.26 9.64 12.14
C ALA A 292 -3.76 9.81 11.77
N GLU A 293 -4.24 9.21 10.67
CA GLU A 293 -5.65 9.27 10.33
C GLU A 293 -6.46 8.53 11.42
N LYS A 294 -7.59 9.08 11.85
CA LYS A 294 -8.44 8.49 12.86
C LYS A 294 -8.74 7.00 12.68
N GLY A 295 -9.10 6.60 11.46
CA GLY A 295 -9.45 5.22 11.18
C GLY A 295 -8.29 4.23 11.05
N ALA A 296 -7.06 4.70 11.28
CA ALA A 296 -5.89 3.82 11.16
C ALA A 296 -5.89 2.57 12.05
N ARG A 297 -6.14 2.73 13.35
CA ARG A 297 -6.11 1.59 14.27
C ARG A 297 -7.07 0.47 13.88
N ILE A 298 -8.28 0.89 13.50
CA ILE A 298 -9.31 -0.05 13.12
C ILE A 298 -8.90 -0.81 11.90
N ALA A 299 -8.40 -0.07 10.91
CA ALA A 299 -7.93 -0.68 9.69
C ALA A 299 -6.83 -1.69 9.91
N LEU A 300 -5.83 -1.32 10.70
CA LEU A 300 -4.67 -2.18 10.97
C LEU A 300 -5.02 -3.45 11.77
N ALA A 301 -6.01 -3.31 12.64
CA ALA A 301 -6.43 -4.40 13.48
C ALA A 301 -7.03 -5.48 12.61
N HIS A 302 -7.77 -5.03 11.62
CA HIS A 302 -8.38 -5.95 10.67
C HIS A 302 -7.38 -6.63 9.78
N LEU A 303 -6.24 -5.97 9.52
CA LEU A 303 -5.21 -6.59 8.71
C LEU A 303 -4.28 -7.36 9.62
N SER A 304 -4.50 -7.26 10.93
CA SER A 304 -3.62 -7.90 11.92
C SER A 304 -2.21 -7.41 11.72
N MET A 305 -2.05 -6.12 11.53
CA MET A 305 -0.70 -5.59 11.33
C MET A 305 -0.30 -4.56 12.37
N GLU A 306 0.95 -4.59 12.81
CA GLU A 306 1.49 -3.61 13.77
C GLU A 306 2.66 -2.90 13.10
N PRO A 307 2.48 -1.62 12.71
CA PRO A 307 3.57 -0.94 12.03
C PRO A 307 4.86 -0.77 12.82
N TYR A 308 5.99 -0.63 12.12
CA TYR A 308 7.25 -0.41 12.80
C TYR A 308 7.50 1.04 13.24
N LEU A 309 7.04 2.01 12.46
CA LEU A 309 7.26 3.42 12.65
C LEU A 309 6.04 4.17 13.20
N HIS A 310 6.26 4.91 14.30
CA HIS A 310 5.23 5.73 14.90
C HIS A 310 5.70 7.18 14.72
N MET A 311 5.34 7.79 13.57
CA MET A 311 5.81 9.13 13.24
C MET A 311 4.72 10.19 13.13
N ALA A 312 3.48 9.78 13.41
CA ALA A 312 2.30 10.64 13.32
C ALA A 312 2.20 11.25 11.93
N MET A 313 2.63 10.46 10.93
CA MET A 313 2.58 10.91 9.56
C MET A 313 1.21 10.77 8.91
N ARG A 314 0.89 11.74 8.02
CA ARG A 314 -0.39 11.76 7.31
C ARG A 314 -0.25 12.51 5.98
N LEU A 315 0.80 12.22 5.25
CA LEU A 315 1.02 12.84 3.99
C LEU A 315 0.55 11.97 2.81
N GLY A 316 0.81 10.66 2.89
CA GLY A 316 0.51 9.80 1.76
C GLY A 316 1.68 9.87 0.78
N GLU A 317 1.38 9.62 -0.50
CA GLU A 317 2.37 9.63 -1.60
C GLU A 317 3.29 8.43 -1.59
N GLY A 318 3.22 7.64 -0.53
CA GLY A 318 4.11 6.53 -0.38
C GLY A 318 5.32 6.98 0.47
N SER A 319 5.17 8.12 1.16
CA SER A 319 6.26 8.65 1.98
C SER A 319 6.69 7.73 3.15
N GLY A 320 5.71 7.11 3.83
CA GLY A 320 5.95 6.18 4.94
C GLY A 320 6.67 4.94 4.43
N ALA A 321 6.24 4.46 3.25
CA ALA A 321 6.83 3.29 2.61
C ALA A 321 8.33 3.47 2.38
N ALA A 322 8.67 4.62 1.79
CA ALA A 322 10.06 4.97 1.54
C ALA A 322 10.88 5.00 2.83
N LEU A 323 10.28 5.59 3.85
CA LEU A 323 10.92 5.73 5.12
C LEU A 323 11.24 4.38 5.78
N ALA A 324 10.43 3.36 5.52
CA ALA A 324 10.67 2.03 6.09
C ALA A 324 11.63 1.13 5.30
N MET A 325 11.97 1.55 4.09
CA MET A 325 12.86 0.71 3.29
C MET A 325 14.20 0.36 3.97
N PRO A 326 14.79 1.34 4.68
CA PRO A 326 16.05 1.06 5.35
C PRO A 326 15.89 -0.03 6.38
N ILE A 327 14.71 -0.12 6.95
CA ILE A 327 14.46 -1.17 7.94
C ILE A 327 14.54 -2.53 7.29
N VAL A 328 13.93 -2.61 6.11
CA VAL A 328 13.98 -3.86 5.37
C VAL A 328 15.43 -4.25 5.08
N GLU A 329 16.19 -3.28 4.62
CA GLU A 329 17.58 -3.54 4.33
C GLU A 329 18.36 -3.94 5.57
N ALA A 330 17.96 -3.40 6.73
CA ALA A 330 18.60 -3.72 7.98
C ALA A 330 18.45 -5.20 8.33
N ALA A 331 17.25 -5.74 8.09
CA ALA A 331 16.99 -7.14 8.39
C ALA A 331 17.91 -8.01 7.56
N CYS A 332 18.15 -7.59 6.32
CA CYS A 332 19.01 -8.35 5.43
C CYS A 332 20.44 -8.31 5.87
N ALA A 333 20.87 -7.12 6.28
CA ALA A 333 22.24 -6.88 6.76
C ALA A 333 22.53 -7.72 8.00
N MET A 334 21.56 -7.74 8.90
CA MET A 334 21.69 -8.52 10.11
C MET A 334 21.94 -9.96 9.71
N PHE A 335 21.02 -10.48 8.88
CA PHE A 335 21.05 -11.86 8.39
C PHE A 335 22.35 -12.26 7.73
N HIS A 336 22.83 -11.41 6.86
CA HIS A 336 24.01 -11.76 6.11
C HIS A 336 25.33 -11.33 6.71
N ASN A 337 25.33 -10.32 7.53
CA ASN A 337 26.61 -9.87 7.95
C ASN A 337 26.98 -10.15 9.38
N MET A 338 26.04 -10.59 10.22
CA MET A 338 26.51 -10.84 11.58
C MET A 338 27.37 -12.09 11.69
N GLY A 339 28.25 -12.10 12.70
CA GLY A 339 29.08 -13.26 13.00
C GLY A 339 28.23 -14.31 13.77
N GLU A 340 28.81 -15.48 14.04
CA GLU A 340 28.10 -16.55 14.72
C GLU A 340 28.67 -16.92 16.05
N LEU A 341 27.75 -17.27 16.93
CA LEU A 341 28.07 -17.66 18.27
C LEU A 341 29.15 -18.73 18.31
N ALA A 342 28.92 -19.78 17.53
CA ALA A 342 29.83 -20.90 17.52
C ALA A 342 31.24 -20.56 17.19
N ALA A 343 31.39 -19.62 16.27
CA ALA A 343 32.71 -19.21 15.85
C ALA A 343 33.49 -18.50 16.96
N SER A 344 32.78 -18.07 17.99
CA SER A 344 33.41 -17.38 19.12
C SER A 344 33.54 -18.31 20.31
N ASN A 345 32.98 -19.51 20.16
CA ASN A 345 33.00 -20.48 21.21
C ASN A 345 32.06 -20.03 22.31
N ILE A 346 31.08 -19.22 21.92
CA ILE A 346 30.09 -18.73 22.87
C ILE A 346 28.89 -19.64 22.92
N VAL A 347 28.48 -19.99 24.11
CA VAL A 347 27.31 -20.84 24.27
C VAL A 347 26.31 -20.16 25.20
N LEU A 348 25.11 -19.91 24.70
CA LEU A 348 24.06 -19.31 25.51
C LEU A 348 22.84 -20.22 25.49
N PRO A 349 22.09 -20.23 26.60
CA PRO A 349 20.87 -21.01 26.72
C PRO A 349 20.01 -20.86 25.46
N3 PMO B . 0.33 14.78 -1.08
N1 PMO B . -1.68 14.39 -0.14
C2 PMO B . -0.49 13.88 -0.54
C7A PMO B . -1.58 15.76 -0.50
C3A PMO B . -0.34 16.00 -1.05
C4 PMO B . 0.06 17.28 -1.42
C5 PMO B . -0.82 18.34 -1.31
C6 PMO B . -2.09 18.11 -0.75
C7 PMO B . -2.48 16.83 -0.36
O10 PMO B . -0.63 19.67 -1.60
C11 PMO B . 0.69 19.91 -2.07
P PMO B . -8.06 14.60 1.46
O1P PMO B . -8.91 13.38 1.50
O2P PMO B . -8.38 15.51 2.58
O3P PMO B . -7.97 15.36 0.16
O5' PMO B . -6.59 13.96 1.75
C5' PMO B . -6.00 13.03 0.83
C4' PMO B . -5.09 13.80 -0.11
O4' PMO B . -4.00 14.42 0.65
C3' PMO B . -4.40 12.94 -1.17
O3' PMO B . -3.86 13.70 -2.27
C2' PMO B . -3.25 12.41 -0.29
O2' PMO B . -2.22 11.91 -1.17
C1' PMO B . -2.80 13.65 0.50
N NIO C . -3.23 11.71 3.07
C1 NIO C . -2.62 10.53 3.35
C2 NIO C . -2.75 9.99 4.62
C3 NIO C . -3.54 10.65 5.63
C4 NIO C . -4.11 11.85 5.22
C5 NIO C . -4.01 12.44 3.98
C6 NIO C . -2.06 8.68 4.93
O1 NIO C . -2.18 8.18 6.10
O2 NIO C . -1.39 8.08 4.04
#